data_2A9Y
#
_entry.id   2A9Y
#
_cell.length_a   60.285
_cell.length_b   61.516
_cell.length_c   91.828
_cell.angle_alpha   90.00
_cell.angle_beta   90.00
_cell.angle_gamma   90.00
#
_symmetry.space_group_name_H-M   'P 21 21 21'
#
loop_
_entity.id
_entity.type
_entity.pdbx_description
1 polymer 'adenosine kinase'
2 non-polymer 'CHLORIDE ION'
3 non-polymer 'SODIUM ION'
4 non-polymer 'ACETATE ION'
5 non-polymer 6N-DIMETHYLADENOSINE
6 water water
#
_entity_poly.entity_id   1
_entity_poly.type   'polypeptide(L)'
_entity_poly.pdbx_seq_one_letter_code
;MGSSHHHHHHSSGLVPRGSHMAVDSSNSATGPMRVFAIGNPILDLVAEVPSSFLDEFFLKRGDATLATPEQMRIYSTLDQ
FNPTSLPGGSALNSVRVVQKLLRKPGSAGYMGAIGDDPRGQVLKELCDKEGLATRFMVAPGQSTGVCAVLINEKERTLCT
HLGACGSFRLPEDWTTFASGALIFYATAYTLTATPKNALEVAGYAHGIPNAIFTLNLSAPFCVELYKDAMQSLLLHTNIL
FGNEEEFAHLAKVHNLVAAEKTALSTANKEHAVEVCTGALRLLTAGQNTSATKLVVMTRGHNPVIAAEQTADGTVVVHEV
GVPVVAAEKIVDTNGAGDAFVGGFLYALSQGKTVKQCIMCGNACAQDVIQHVGFSLSFTFTSG
;
_entity_poly.pdbx_strand_id   A
#
loop_
_chem_comp.id
_chem_comp.type
_chem_comp.name
_chem_comp.formula
26A non-polymer 6N-DIMETHYLADENOSINE 'C12 H17 N5 O4'
ACT non-polymer 'ACETATE ION' 'C2 H3 O2 -1'
CL non-polymer 'CHLORIDE ION' 'Cl -1'
NA non-polymer 'SODIUM ION' 'Na 1'
#
# COMPACT_ATOMS: atom_id res chain seq x y z
N THR A 30 -14.39 -2.00 -19.20
CA THR A 30 -14.36 -2.83 -20.40
C THR A 30 -13.04 -3.58 -20.45
N GLY A 31 -12.05 -3.25 -19.62
CA GLY A 31 -11.05 -4.30 -19.45
C GLY A 31 -10.08 -4.55 -20.58
N PRO A 32 -9.29 -5.62 -20.58
CA PRO A 32 -9.26 -6.68 -19.55
C PRO A 32 -8.73 -6.21 -18.20
N MET A 33 -9.34 -6.72 -17.13
CA MET A 33 -8.90 -6.31 -15.77
C MET A 33 -7.61 -7.09 -15.46
N ARG A 34 -6.53 -6.39 -15.14
CA ARG A 34 -5.28 -7.09 -14.85
C ARG A 34 -4.93 -7.18 -13.39
N VAL A 35 -5.36 -6.17 -12.61
CA VAL A 35 -5.09 -6.10 -11.20
C VAL A 35 -6.40 -5.82 -10.46
N PHE A 36 -6.69 -6.55 -9.39
CA PHE A 36 -7.79 -6.28 -8.47
C PHE A 36 -7.29 -6.00 -7.06
N ALA A 37 -7.76 -4.93 -6.43
CA ALA A 37 -7.31 -4.59 -5.09
C ALA A 37 -8.52 -4.27 -4.19
N ILE A 38 -8.32 -4.51 -2.90
CA ILE A 38 -9.18 -3.98 -1.84
C ILE A 38 -8.43 -2.92 -1.05
N GLY A 39 -9.16 -1.96 -0.48
CA GLY A 39 -8.50 -0.89 0.25
C GLY A 39 -9.46 -0.12 1.12
N ASN A 40 -8.90 0.91 1.77
CA ASN A 40 -9.67 1.96 2.48
C ASN A 40 -9.76 3.17 1.56
N PRO A 41 -10.88 3.45 0.92
CA PRO A 41 -10.92 4.59 -0.01
C PRO A 41 -11.00 5.88 0.81
N ILE A 42 -10.05 6.79 0.56
CA ILE A 42 -9.92 8.01 1.38
C ILE A 42 -9.80 9.23 0.47
N LEU A 43 -10.54 10.30 0.77
CA LEU A 43 -10.30 11.57 0.11
C LEU A 43 -9.19 12.31 0.85
N ASP A 44 -8.13 12.68 0.17
CA ASP A 44 -7.06 13.51 0.75
C ASP A 44 -7.42 14.99 0.57
N LEU A 45 -7.29 15.74 1.66
CA LEU A 45 -7.48 17.19 1.70
C LEU A 45 -6.12 17.81 2.02
N VAL A 46 -5.60 18.42 0.96
CA VAL A 46 -4.23 18.90 1.04
C VAL A 46 -4.20 20.39 1.26
N ALA A 47 -3.55 20.92 2.30
CA ALA A 47 -3.52 22.38 2.44
C ALA A 47 -2.24 22.80 3.17
N GLU A 48 -1.77 23.97 2.83
CA GLU A 48 -0.78 24.72 3.56
C GLU A 48 -1.42 25.37 4.80
N VAL A 49 -0.91 25.06 5.98
CA VAL A 49 -1.40 25.61 7.24
C VAL A 49 -0.29 26.23 8.10
N PRO A 50 -0.66 27.24 8.89
CA PRO A 50 0.30 27.82 9.83
C PRO A 50 0.59 26.85 10.96
N SER A 51 1.74 27.09 11.61
CA SER A 51 2.13 26.24 12.72
C SER A 51 1.15 26.23 13.88
N SER A 52 0.47 27.34 14.13
CA SER A 52 -0.58 27.37 15.12
C SER A 52 -1.67 26.34 14.85
N PHE A 53 -1.88 25.97 13.58
CA PHE A 53 -2.89 24.95 13.31
C PHE A 53 -2.43 23.61 13.87
N LEU A 54 -1.15 23.24 13.64
CA LEU A 54 -0.65 22.00 14.24
C LEU A 54 -0.81 22.00 15.75
N ASP A 55 -0.36 23.11 16.33
CA ASP A 55 -0.40 23.27 17.76
C ASP A 55 -1.81 23.24 18.33
N GLU A 56 -2.73 23.94 17.68
CA GLU A 56 -4.13 23.98 18.16
C GLU A 56 -4.67 22.57 18.23
N PHE A 57 -4.25 21.68 17.35
CA PHE A 57 -4.88 20.38 17.24
C PHE A 57 -3.97 19.29 17.83
N PHE A 58 -2.93 19.71 18.51
CA PHE A 58 -1.98 18.83 19.19
C PHE A 58 -1.35 17.81 18.25
N LEU A 59 -1.00 18.32 17.05
CA LEU A 59 -0.39 17.41 16.07
C LEU A 59 1.13 17.47 16.16
N LYS A 60 1.83 16.34 16.00
CA LYS A 60 3.30 16.44 15.95
C LYS A 60 3.75 16.54 14.49
N ARG A 61 4.49 17.58 14.11
CA ARG A 61 4.85 17.81 12.71
C ARG A 61 5.54 16.59 12.08
N GLY A 62 5.01 16.15 10.94
CA GLY A 62 5.57 15.06 10.17
C GLY A 62 5.11 13.67 10.56
N ASP A 63 4.27 13.62 11.61
CA ASP A 63 3.67 12.31 11.92
C ASP A 63 2.44 12.04 11.04
N ALA A 64 2.08 10.77 10.95
CA ALA A 64 0.85 10.29 10.34
C ALA A 64 0.07 9.47 11.36
N THR A 65 -1.09 9.98 11.74
CA THR A 65 -1.92 9.42 12.78
C THR A 65 -3.39 9.32 12.35
N LEU A 66 -4.14 8.61 13.21
CA LEU A 66 -5.58 8.63 13.18
C LEU A 66 -6.14 9.73 14.07
N ALA A 67 -7.16 10.41 13.56
CA ALA A 67 -7.76 11.51 14.28
C ALA A 67 -8.20 11.09 15.69
N THR A 68 -7.83 11.92 16.65
CA THR A 68 -8.27 11.74 18.04
C THR A 68 -9.61 12.44 18.26
N PRO A 69 -10.32 12.15 19.35
CA PRO A 69 -11.57 12.86 19.64
C PRO A 69 -11.42 14.37 19.58
N GLU A 70 -10.34 14.88 20.18
CA GLU A 70 -10.08 16.34 20.24
C GLU A 70 -9.84 16.90 18.85
N GLN A 71 -9.56 16.06 17.84
CA GLN A 71 -9.29 16.46 16.45
C GLN A 71 -10.49 16.38 15.52
N MET A 72 -11.67 16.17 16.11
CA MET A 72 -12.95 15.97 15.46
C MET A 72 -13.29 17.02 14.42
N ARG A 73 -13.01 18.28 14.77
CA ARG A 73 -13.34 19.40 13.90
C ARG A 73 -12.17 19.80 13.02
N ILE A 74 -11.12 18.95 12.95
CA ILE A 74 -10.01 19.36 12.09
C ILE A 74 -10.42 19.47 10.62
N TYR A 75 -11.30 18.64 10.07
CA TYR A 75 -11.60 18.67 8.62
C TYR A 75 -12.43 19.90 8.26
N SER A 76 -13.43 20.23 9.09
CA SER A 76 -14.22 21.43 8.83
C SER A 76 -13.36 22.66 9.02
N THR A 77 -12.52 22.64 10.06
CA THR A 77 -11.66 23.79 10.31
C THR A 77 -10.69 24.00 9.15
N LEU A 78 -10.28 22.92 8.48
CA LEU A 78 -9.38 22.97 7.35
C LEU A 78 -9.95 23.77 6.20
N ASP A 79 -11.29 23.86 6.11
CA ASP A 79 -11.87 24.61 4.98
C ASP A 79 -11.39 26.05 4.89
N GLN A 80 -11.01 26.68 5.99
CA GLN A 80 -10.56 28.08 5.91
C GLN A 80 -9.20 28.18 5.23
N PHE A 81 -8.52 27.07 4.98
CA PHE A 81 -7.21 27.11 4.34
C PHE A 81 -7.31 26.60 2.91
N ASN A 82 -8.50 26.62 2.34
CA ASN A 82 -8.80 26.24 0.94
C ASN A 82 -8.07 24.99 0.46
N PRO A 83 -8.41 23.87 1.08
CA PRO A 83 -7.67 22.65 0.74
C PRO A 83 -8.06 22.16 -0.64
N THR A 84 -7.16 21.39 -1.24
N THR A 84 -7.19 21.41 -1.31
CA THR A 84 -7.49 20.66 -2.47
CA THR A 84 -7.53 20.71 -2.55
C THR A 84 -7.99 19.27 -2.17
C THR A 84 -7.95 19.28 -2.25
N SER A 85 -8.94 18.78 -2.96
CA SER A 85 -9.46 17.44 -2.79
C SER A 85 -8.88 16.52 -3.87
N LEU A 86 -8.20 15.45 -3.42
CA LEU A 86 -7.61 14.48 -4.32
C LEU A 86 -7.88 13.07 -3.81
N PRO A 87 -7.94 12.14 -4.77
CA PRO A 87 -8.18 10.75 -4.33
C PRO A 87 -6.99 10.31 -3.53
N GLY A 88 -7.24 9.59 -2.46
CA GLY A 88 -6.20 9.01 -1.59
C GLY A 88 -6.59 7.60 -1.16
N GLY A 89 -5.96 7.17 -0.07
CA GLY A 89 -5.98 5.79 0.35
C GLY A 89 -4.78 5.05 -0.26
N SER A 90 -4.04 4.28 0.55
CA SER A 90 -2.83 3.63 0.05
C SER A 90 -3.10 2.72 -1.13
N ALA A 91 -4.00 1.73 -0.99
CA ALA A 91 -4.21 0.80 -2.11
C ALA A 91 -4.79 1.54 -3.31
N LEU A 92 -5.66 2.52 -3.09
CA LEU A 92 -6.26 3.26 -4.21
C LEU A 92 -5.15 4.01 -4.93
N ASN A 93 -4.20 4.58 -4.19
CA ASN A 93 -3.08 5.21 -4.87
C ASN A 93 -2.35 4.21 -5.78
N SER A 94 -2.13 3.01 -5.27
CA SER A 94 -1.35 2.05 -6.05
C SER A 94 -2.09 1.60 -7.30
N VAL A 95 -3.42 1.29 -7.16
CA VAL A 95 -4.11 0.83 -8.38
C VAL A 95 -4.33 2.00 -9.35
N ARG A 96 -4.36 3.24 -8.91
CA ARG A 96 -4.51 4.37 -9.83
C ARG A 96 -3.22 4.47 -10.65
N VAL A 97 -2.05 4.12 -10.09
CA VAL A 97 -0.81 4.05 -10.87
C VAL A 97 -0.93 2.94 -11.92
N VAL A 98 -1.43 1.77 -11.53
CA VAL A 98 -1.60 0.68 -12.49
C VAL A 98 -2.52 1.11 -13.64
N GLN A 99 -3.68 1.70 -13.27
CA GLN A 99 -4.62 2.10 -14.30
C GLN A 99 -4.03 3.17 -15.21
N LYS A 100 -3.28 4.12 -14.67
CA LYS A 100 -2.67 5.13 -15.51
C LYS A 100 -1.74 4.53 -16.54
N LEU A 101 -0.97 3.53 -16.11
CA LEU A 101 -0.01 2.93 -17.03
C LEU A 101 -0.70 1.99 -18.02
N LEU A 102 -1.77 1.31 -17.60
CA LEU A 102 -2.42 0.40 -18.56
C LEU A 102 -3.36 1.12 -19.51
N ARG A 103 -3.83 2.28 -19.12
CA ARG A 103 -4.61 3.20 -19.92
C ARG A 103 -6.02 2.71 -20.23
N LYS A 104 -6.25 1.50 -20.68
CA LYS A 104 -7.60 1.10 -21.08
C LYS A 104 -8.57 1.16 -19.90
N PRO A 105 -9.77 1.66 -20.07
CA PRO A 105 -10.71 1.69 -18.95
C PRO A 105 -10.93 0.32 -18.34
N GLY A 106 -10.94 0.25 -17.02
CA GLY A 106 -11.20 -0.96 -16.28
C GLY A 106 -10.00 -1.90 -16.25
N SER A 107 -8.80 -1.38 -16.44
CA SER A 107 -7.59 -2.18 -16.43
C SER A 107 -7.26 -2.61 -15.00
N ALA A 108 -7.62 -1.82 -14.02
CA ALA A 108 -7.48 -2.18 -12.61
C ALA A 108 -8.87 -2.04 -11.96
N GLY A 109 -9.16 -2.92 -11.02
CA GLY A 109 -10.40 -2.90 -10.28
C GLY A 109 -10.13 -2.71 -8.79
N TYR A 110 -11.09 -2.11 -8.10
CA TYR A 110 -10.93 -1.81 -6.67
C TYR A 110 -12.27 -1.87 -5.96
N MET A 111 -12.25 -2.38 -4.73
CA MET A 111 -13.40 -2.27 -3.85
C MET A 111 -12.98 -1.78 -2.47
N GLY A 112 -13.93 -1.06 -1.88
CA GLY A 112 -13.83 -0.58 -0.52
C GLY A 112 -15.18 0.05 -0.15
N ALA A 113 -15.28 0.61 1.06
CA ALA A 113 -16.53 1.21 1.53
C ALA A 113 -16.39 2.72 1.68
N ILE A 114 -17.46 3.41 1.28
CA ILE A 114 -17.60 4.87 1.44
C ILE A 114 -18.88 5.19 2.18
N GLY A 115 -19.00 6.47 2.56
CA GLY A 115 -20.24 6.88 3.24
C GLY A 115 -21.32 7.31 2.26
N ASP A 116 -22.52 7.55 2.75
CA ASP A 116 -23.59 8.08 1.89
C ASP A 116 -23.62 9.62 1.94
N ASP A 117 -22.45 10.23 1.87
CA ASP A 117 -22.21 11.67 2.04
C ASP A 117 -21.65 12.35 0.82
N PRO A 118 -21.60 13.66 0.80
CA PRO A 118 -21.01 14.34 -0.36
C PRO A 118 -19.60 13.92 -0.69
N ARG A 119 -18.78 13.71 0.32
CA ARG A 119 -17.37 13.34 0.12
C ARG A 119 -17.28 12.05 -0.65
N GLY A 120 -18.17 11.09 -0.39
CA GLY A 120 -18.10 9.82 -1.09
C GLY A 120 -18.36 9.99 -2.57
N GLN A 121 -19.28 10.89 -2.92
CA GLN A 121 -19.51 11.19 -4.34
C GLN A 121 -18.32 11.86 -4.99
N VAL A 122 -17.69 12.77 -4.26
CA VAL A 122 -16.48 13.42 -4.81
C VAL A 122 -15.43 12.39 -5.10
N LEU A 123 -15.23 11.44 -4.21
CA LEU A 123 -14.16 10.44 -4.42
C LEU A 123 -14.50 9.51 -5.55
N LYS A 124 -15.75 9.07 -5.61
CA LYS A 124 -16.18 8.17 -6.69
C LYS A 124 -15.96 8.83 -8.05
N GLU A 125 -16.40 10.11 -8.14
CA GLU A 125 -16.21 10.77 -9.44
C GLU A 125 -14.77 10.97 -9.83
N LEU A 126 -13.90 11.27 -8.87
CA LEU A 126 -12.47 11.37 -9.18
C LEU A 126 -11.93 10.06 -9.72
N CYS A 127 -12.36 8.94 -9.16
CA CYS A 127 -11.89 7.64 -9.64
C CYS A 127 -12.49 7.33 -11.02
N ASP A 128 -13.77 7.62 -11.25
CA ASP A 128 -14.40 7.32 -12.53
C ASP A 128 -13.71 8.09 -13.64
N LYS A 129 -13.34 9.34 -13.35
CA LYS A 129 -12.74 10.10 -14.44
C LYS A 129 -11.40 9.50 -14.88
N GLU A 130 -10.76 8.69 -14.06
CA GLU A 130 -9.48 8.09 -14.48
C GLU A 130 -9.65 6.74 -15.14
N GLY A 131 -10.89 6.26 -15.19
CA GLY A 131 -11.13 5.00 -15.88
C GLY A 131 -10.99 3.78 -15.00
N LEU A 132 -10.77 3.95 -13.71
CA LEU A 132 -10.64 2.80 -12.79
C LEU A 132 -11.95 2.06 -12.66
N ALA A 133 -11.95 0.74 -12.58
CA ALA A 133 -13.16 -0.02 -12.29
C ALA A 133 -13.33 -0.06 -10.77
N THR A 134 -14.43 0.49 -10.23
CA THR A 134 -14.63 0.51 -8.79
C THR A 134 -16.01 0.00 -8.41
N ARG A 135 -16.08 -0.63 -7.24
CA ARG A 135 -17.37 -0.85 -6.60
C ARG A 135 -17.15 -0.36 -5.16
N PHE A 136 -17.82 0.74 -4.86
CA PHE A 136 -17.73 1.32 -3.53
C PHE A 136 -19.03 0.96 -2.79
N MET A 137 -18.89 0.24 -1.70
CA MET A 137 -20.03 -0.12 -0.86
C MET A 137 -20.38 1.05 0.00
N VAL A 138 -21.66 1.42 0.01
N VAL A 138 -21.65 1.46 -0.01
CA VAL A 138 -22.07 2.56 0.83
CA VAL A 138 -21.98 2.60 0.85
C VAL A 138 -22.51 2.14 2.23
C VAL A 138 -22.44 2.14 2.22
N ALA A 139 -21.98 2.83 3.25
CA ALA A 139 -22.39 2.59 4.64
C ALA A 139 -23.25 3.77 5.07
N PRO A 140 -24.56 3.58 5.13
CA PRO A 140 -25.44 4.68 5.57
C PRO A 140 -25.07 5.25 6.92
N GLY A 141 -25.10 6.59 6.96
CA GLY A 141 -24.87 7.22 8.26
C GLY A 141 -23.41 7.40 8.62
N GLN A 142 -22.50 6.88 7.80
CA GLN A 142 -21.07 6.96 8.13
C GLN A 142 -20.43 7.93 7.12
N SER A 143 -19.27 8.45 7.51
CA SER A 143 -18.57 9.45 6.69
C SER A 143 -17.45 8.79 5.89
N THR A 144 -17.31 9.22 4.66
CA THR A 144 -16.26 8.66 3.83
C THR A 144 -14.90 8.98 4.44
N GLY A 145 -13.96 8.07 4.27
CA GLY A 145 -12.62 8.20 4.80
C GLY A 145 -12.02 9.52 4.37
N VAL A 146 -11.28 10.21 5.22
CA VAL A 146 -10.65 11.48 4.89
C VAL A 146 -9.27 11.55 5.53
N CYS A 147 -8.33 12.18 4.81
CA CYS A 147 -7.00 12.36 5.34
C CYS A 147 -6.62 13.84 5.12
N ALA A 148 -6.38 14.55 6.24
CA ALA A 148 -5.80 15.89 6.12
C ALA A 148 -4.29 15.76 5.86
N VAL A 149 -3.85 16.29 4.75
CA VAL A 149 -2.45 16.41 4.34
C VAL A 149 -2.05 17.85 4.58
N LEU A 150 -1.46 18.08 5.75
CA LEU A 150 -1.14 19.41 6.21
C LEU A 150 0.31 19.82 5.94
N ILE A 151 0.53 20.85 5.13
CA ILE A 151 1.88 21.27 4.71
C ILE A 151 2.34 22.44 5.57
N ASN A 152 3.55 22.33 6.14
CA ASN A 152 4.06 23.23 7.16
C ASN A 152 5.54 22.99 7.46
N GLU A 153 6.27 24.09 7.24
CA GLU A 153 7.71 24.15 7.27
C GLU A 153 8.32 22.96 6.54
N LYS A 154 7.87 22.68 5.31
CA LYS A 154 8.44 21.68 4.42
C LYS A 154 8.25 20.28 4.97
N GLU A 155 7.14 20.07 5.66
CA GLU A 155 6.93 18.69 6.10
C GLU A 155 5.43 18.48 5.93
N ARG A 156 5.04 17.25 5.72
CA ARG A 156 3.68 16.83 5.72
C ARG A 156 3.34 16.17 7.06
N THR A 157 2.14 16.52 7.50
CA THR A 157 1.55 15.98 8.72
C THR A 157 0.21 15.39 8.32
N LEU A 158 0.04 14.07 8.57
CA LEU A 158 -1.17 13.43 8.06
C LEU A 158 -2.06 13.04 9.23
N CYS A 159 -3.35 13.30 9.08
CA CYS A 159 -4.36 12.98 10.11
C CYS A 159 -5.59 12.35 9.46
N THR A 160 -5.78 11.06 9.68
CA THR A 160 -6.77 10.31 8.92
C THR A 160 -7.93 9.88 9.77
N HIS A 161 -9.15 9.95 9.23
CA HIS A 161 -10.35 9.48 9.89
C HIS A 161 -11.00 8.44 9.00
N LEU A 162 -10.98 7.17 9.40
CA LEU A 162 -11.36 6.12 8.46
C LEU A 162 -12.85 6.07 8.19
N GLY A 163 -13.66 6.37 9.19
CA GLY A 163 -15.10 6.32 9.02
C GLY A 163 -15.61 5.07 8.35
N ALA A 164 -16.34 5.27 7.24
CA ALA A 164 -17.02 4.19 6.52
C ALA A 164 -16.06 3.10 6.06
N CYS A 165 -14.77 3.42 5.95
CA CYS A 165 -13.84 2.40 5.45
C CYS A 165 -13.92 1.11 6.29
N GLY A 166 -14.19 1.29 7.59
CA GLY A 166 -14.21 0.20 8.53
C GLY A 166 -15.39 -0.76 8.35
N SER A 167 -16.41 -0.33 7.59
CA SER A 167 -17.59 -1.14 7.37
C SER A 167 -17.42 -2.10 6.22
N PHE A 168 -16.33 -2.02 5.44
CA PHE A 168 -16.22 -2.81 4.22
C PHE A 168 -16.27 -4.31 4.51
N ARG A 169 -17.13 -5.01 3.80
CA ARG A 169 -17.21 -6.46 3.80
C ARG A 169 -17.29 -6.93 2.35
N LEU A 170 -16.31 -7.72 2.00
CA LEU A 170 -16.18 -8.11 0.61
C LEU A 170 -17.46 -8.76 0.12
N PRO A 171 -18.08 -8.31 -0.96
CA PRO A 171 -19.29 -8.95 -1.45
C PRO A 171 -19.02 -10.34 -2.05
N GLU A 172 -20.04 -11.18 -1.96
CA GLU A 172 -20.07 -12.53 -2.45
C GLU A 172 -19.73 -12.65 -3.94
N ASP A 173 -20.05 -11.65 -4.75
CA ASP A 173 -19.71 -11.75 -6.17
C ASP A 173 -18.41 -11.05 -6.51
N TRP A 174 -17.52 -10.82 -5.54
CA TRP A 174 -16.32 -10.07 -5.92
C TRP A 174 -15.50 -10.79 -6.99
N THR A 175 -15.51 -12.12 -7.00
CA THR A 175 -14.70 -12.82 -8.01
C THR A 175 -15.22 -12.57 -9.42
N THR A 176 -16.55 -12.35 -9.52
CA THR A 176 -17.13 -12.03 -10.83
C THR A 176 -16.74 -10.63 -11.23
N PHE A 177 -16.80 -9.65 -10.33
CA PHE A 177 -16.34 -8.28 -10.59
C PHE A 177 -14.89 -8.30 -11.06
N ALA A 178 -14.06 -9.12 -10.40
CA ALA A 178 -12.63 -9.22 -10.68
C ALA A 178 -12.30 -10.15 -11.85
N SER A 179 -13.29 -10.66 -12.59
CA SER A 179 -13.01 -11.68 -13.64
C SER A 179 -11.85 -11.33 -14.55
N GLY A 180 -10.96 -12.28 -14.79
CA GLY A 180 -9.81 -12.05 -15.64
C GLY A 180 -8.58 -11.63 -14.90
N ALA A 181 -8.63 -10.98 -13.73
CA ALA A 181 -7.42 -10.54 -13.06
C ALA A 181 -6.72 -11.72 -12.37
N LEU A 182 -5.42 -11.79 -12.58
CA LEU A 182 -4.63 -12.81 -11.90
C LEU A 182 -3.74 -12.20 -10.83
N ILE A 183 -3.69 -10.89 -10.71
CA ILE A 183 -2.92 -10.20 -9.69
C ILE A 183 -3.91 -9.52 -8.75
N PHE A 184 -3.78 -9.91 -7.47
CA PHE A 184 -4.65 -9.41 -6.42
C PHE A 184 -3.81 -8.65 -5.41
N TYR A 185 -4.34 -7.57 -4.85
CA TYR A 185 -3.55 -6.80 -3.90
C TYR A 185 -4.40 -6.38 -2.73
N ALA A 186 -3.82 -6.45 -1.55
CA ALA A 186 -4.40 -5.83 -0.36
C ALA A 186 -3.30 -5.19 0.44
N THR A 187 -3.62 -4.06 1.08
CA THR A 187 -2.77 -3.49 2.09
C THR A 187 -3.09 -4.09 3.45
N ALA A 188 -2.11 -4.22 4.35
CA ALA A 188 -2.42 -4.63 5.71
C ALA A 188 -3.34 -3.57 6.38
N TYR A 189 -3.38 -2.33 5.85
CA TYR A 189 -4.38 -1.39 6.35
C TYR A 189 -5.82 -1.90 6.25
N THR A 190 -6.10 -2.80 5.28
CA THR A 190 -7.46 -3.32 5.18
C THR A 190 -7.81 -4.22 6.35
N LEU A 191 -6.80 -4.69 7.11
CA LEU A 191 -7.12 -5.55 8.25
C LEU A 191 -7.89 -4.78 9.33
N THR A 192 -7.85 -3.45 9.26
CA THR A 192 -8.48 -2.61 10.29
C THR A 192 -9.99 -2.58 10.12
N ALA A 193 -10.52 -3.01 8.98
CA ALA A 193 -11.97 -3.21 8.84
C ALA A 193 -12.28 -4.64 9.33
N THR A 194 -11.78 -5.63 8.62
CA THR A 194 -11.72 -7.00 9.10
C THR A 194 -10.63 -7.76 8.35
N PRO A 195 -9.84 -8.60 9.01
CA PRO A 195 -8.90 -9.42 8.22
C PRO A 195 -9.62 -10.38 7.29
N LYS A 196 -10.90 -10.66 7.52
CA LYS A 196 -11.55 -11.61 6.63
C LYS A 196 -11.53 -11.19 5.17
N ASN A 197 -11.53 -9.91 4.86
CA ASN A 197 -11.54 -9.47 3.44
C ASN A 197 -10.25 -9.92 2.73
N ALA A 198 -9.08 -9.53 3.31
CA ALA A 198 -7.83 -9.98 2.68
C ALA A 198 -7.69 -11.51 2.73
N LEU A 199 -8.15 -12.16 3.79
CA LEU A 199 -8.03 -13.65 3.84
C LEU A 199 -8.89 -14.28 2.76
N GLU A 200 -10.03 -13.70 2.48
CA GLU A 200 -10.84 -14.28 1.40
C GLU A 200 -10.21 -14.08 0.04
N VAL A 201 -9.62 -12.91 -0.20
CA VAL A 201 -9.01 -12.67 -1.50
C VAL A 201 -7.79 -13.60 -1.65
N ALA A 202 -6.96 -13.68 -0.62
CA ALA A 202 -5.81 -14.59 -0.71
C ALA A 202 -6.23 -16.06 -0.80
N GLY A 203 -7.33 -16.37 -0.12
CA GLY A 203 -7.82 -17.75 -0.14
C GLY A 203 -8.21 -18.19 -1.53
N TYR A 204 -8.69 -17.27 -2.34
CA TYR A 204 -9.08 -17.58 -3.71
C TYR A 204 -7.87 -17.83 -4.57
N ALA A 205 -6.83 -17.05 -4.37
CA ALA A 205 -5.61 -17.21 -5.17
C ALA A 205 -4.80 -18.41 -4.73
N HIS A 206 -4.93 -18.85 -3.47
CA HIS A 206 -4.01 -19.85 -2.95
C HIS A 206 -4.13 -21.18 -3.68
N GLY A 207 -2.97 -21.79 -4.00
CA GLY A 207 -3.02 -23.12 -4.64
C GLY A 207 -3.24 -23.06 -6.15
N ILE A 208 -3.51 -21.89 -6.70
N ILE A 208 -3.58 -21.91 -6.74
CA ILE A 208 -3.63 -21.64 -8.15
CA ILE A 208 -3.64 -21.92 -8.21
C ILE A 208 -2.29 -21.16 -8.64
C ILE A 208 -2.37 -21.22 -8.67
N PRO A 209 -1.57 -21.98 -9.39
CA PRO A 209 -0.18 -21.57 -9.70
C PRO A 209 0.04 -20.19 -10.28
N ASN A 210 -0.84 -19.72 -11.13
CA ASN A 210 -0.63 -18.40 -11.76
C ASN A 210 -1.56 -17.31 -11.19
N ALA A 211 -2.21 -17.52 -10.04
CA ALA A 211 -2.91 -16.46 -9.32
C ALA A 211 -1.93 -15.90 -8.31
N ILE A 212 -1.75 -14.59 -8.29
CA ILE A 212 -0.74 -13.96 -7.44
C ILE A 212 -1.39 -13.03 -6.45
N PHE A 213 -1.40 -13.40 -5.20
CA PHE A 213 -1.84 -12.51 -4.12
C PHE A 213 -0.63 -11.74 -3.58
N THR A 214 -0.82 -10.42 -3.47
CA THR A 214 0.23 -9.53 -3.03
C THR A 214 -0.27 -8.67 -1.88
N LEU A 215 0.68 -8.42 -0.97
CA LEU A 215 0.27 -7.75 0.29
C LEU A 215 1.28 -6.70 0.65
N ASN A 216 0.86 -5.55 1.21
CA ASN A 216 1.73 -4.52 1.76
C ASN A 216 1.72 -4.61 3.29
N LEU A 217 2.86 -4.55 3.98
CA LEU A 217 2.83 -4.57 5.45
C LEU A 217 2.17 -3.30 6.00
N SER A 218 2.11 -2.21 5.25
CA SER A 218 1.45 -0.93 5.50
C SER A 218 1.97 -0.07 6.63
N ALA A 219 2.24 -0.62 7.81
CA ALA A 219 2.63 0.18 8.94
C ALA A 219 3.06 -0.76 10.07
N PRO A 220 4.01 -0.30 10.87
CA PRO A 220 4.40 -1.11 12.03
C PRO A 220 3.21 -1.59 12.85
N PHE A 221 2.23 -0.69 13.10
CA PHE A 221 1.15 -1.13 14.00
C PHE A 221 0.38 -2.30 13.42
N CYS A 222 0.28 -2.44 12.08
CA CYS A 222 -0.47 -3.56 11.52
C CYS A 222 0.18 -4.88 11.87
N VAL A 223 1.51 -4.83 11.90
CA VAL A 223 2.32 -6.04 12.19
C VAL A 223 2.05 -6.58 13.59
N GLU A 224 1.98 -5.73 14.60
CA GLU A 224 1.64 -6.18 15.94
C GLU A 224 0.17 -6.45 16.16
N LEU A 225 -0.65 -5.51 15.74
CA LEU A 225 -2.10 -5.58 16.06
C LEU A 225 -2.72 -6.83 15.45
N TYR A 226 -2.27 -7.19 14.22
CA TYR A 226 -2.91 -8.32 13.52
C TYR A 226 -1.93 -9.47 13.42
N LYS A 227 -1.03 -9.67 14.41
CA LYS A 227 -0.03 -10.71 14.30
C LYS A 227 -0.55 -12.07 13.82
N ASP A 228 -1.58 -12.63 14.42
CA ASP A 228 -1.95 -14.03 14.05
C ASP A 228 -2.71 -14.03 12.74
N ALA A 229 -3.59 -13.06 12.49
CA ALA A 229 -4.25 -13.03 11.18
C ALA A 229 -3.24 -12.81 10.08
N MET A 230 -2.22 -11.97 10.29
N MET A 230 -2.24 -11.96 10.31
CA MET A 230 -1.22 -11.72 9.25
CA MET A 230 -1.22 -11.72 9.27
C MET A 230 -0.34 -12.94 9.05
C MET A 230 -0.41 -12.98 9.05
N GLN A 231 -0.06 -13.72 10.12
CA GLN A 231 0.72 -14.95 9.95
C GLN A 231 -0.02 -15.91 9.03
N SER A 232 -1.34 -16.03 9.22
CA SER A 232 -2.11 -16.90 8.33
C SER A 232 -2.15 -16.35 6.92
N LEU A 233 -2.40 -15.07 6.79
CA LEU A 233 -2.45 -14.41 5.49
C LEU A 233 -1.15 -14.59 4.74
N LEU A 234 -0.01 -14.48 5.44
CA LEU A 234 1.30 -14.61 4.75
C LEU A 234 1.45 -15.98 4.13
N LEU A 235 0.91 -17.04 4.75
CA LEU A 235 1.00 -18.37 4.17
C LEU A 235 0.27 -18.41 2.82
N HIS A 236 -0.69 -17.53 2.61
CA HIS A 236 -1.41 -17.47 1.34
C HIS A 236 -0.87 -16.36 0.43
N THR A 237 0.27 -15.79 0.75
CA THR A 237 0.75 -14.64 0.00
C THR A 237 1.87 -15.04 -0.97
N ASN A 238 1.82 -14.52 -2.18
CA ASN A 238 2.83 -14.72 -3.19
C ASN A 238 3.89 -13.63 -3.21
N ILE A 239 3.53 -12.37 -3.02
CA ILE A 239 4.51 -11.28 -2.98
C ILE A 239 4.17 -10.40 -1.79
N LEU A 240 5.18 -10.17 -0.92
CA LEU A 240 5.05 -9.29 0.21
C LEU A 240 5.91 -8.05 -0.02
N PHE A 241 5.31 -6.87 0.09
CA PHE A 241 6.03 -5.60 0.03
C PHE A 241 6.11 -4.93 1.42
N GLY A 242 7.21 -4.25 1.67
CA GLY A 242 7.25 -3.47 2.90
C GLY A 242 8.50 -2.59 2.87
N ASN A 243 8.48 -1.62 3.77
CA ASN A 243 9.68 -0.80 3.96
C ASN A 243 10.49 -1.33 5.15
N GLU A 244 11.59 -0.65 5.47
CA GLU A 244 12.50 -1.13 6.51
C GLU A 244 11.87 -1.20 7.88
N GLU A 245 11.14 -0.13 8.27
CA GLU A 245 10.61 -0.18 9.66
C GLU A 245 9.54 -1.23 9.78
N GLU A 246 8.74 -1.46 8.70
CA GLU A 246 7.72 -2.52 8.78
C GLU A 246 8.39 -3.87 8.92
N PHE A 247 9.41 -4.12 8.10
CA PHE A 247 10.08 -5.40 8.23
C PHE A 247 10.81 -5.60 9.55
N ALA A 248 11.29 -4.52 10.16
CA ALA A 248 11.98 -4.60 11.47
C ALA A 248 10.98 -5.08 12.51
N HIS A 249 9.77 -4.53 12.43
CA HIS A 249 8.72 -4.96 13.34
C HIS A 249 8.33 -6.40 13.02
N LEU A 250 8.20 -6.78 11.75
CA LEU A 250 7.88 -8.15 11.39
C LEU A 250 8.91 -9.11 11.95
N ALA A 251 10.19 -8.75 11.86
CA ALA A 251 11.25 -9.65 12.36
C ALA A 251 11.16 -9.82 13.87
N LYS A 252 10.83 -8.71 14.56
CA LYS A 252 10.75 -8.81 16.02
C LYS A 252 9.54 -9.64 16.45
N VAL A 253 8.36 -9.40 15.87
CA VAL A 253 7.13 -10.07 16.27
C VAL A 253 7.14 -11.55 15.93
N HIS A 254 7.78 -11.92 14.82
N HIS A 254 7.77 -11.95 14.82
CA HIS A 254 7.80 -13.31 14.37
CA HIS A 254 7.81 -13.35 14.39
C HIS A 254 9.15 -13.98 14.58
C HIS A 254 9.12 -14.05 14.67
N ASN A 255 10.01 -13.39 15.40
CA ASN A 255 11.31 -13.89 15.74
C ASN A 255 12.08 -14.40 14.50
N LEU A 256 12.18 -13.55 13.50
CA LEU A 256 12.75 -14.00 12.23
C LEU A 256 14.28 -14.05 12.26
N VAL A 257 14.88 -13.27 13.15
CA VAL A 257 16.30 -13.17 13.40
C VAL A 257 16.53 -13.26 14.90
N ALA A 258 17.72 -13.63 15.36
CA ALA A 258 18.01 -13.84 16.78
C ALA A 258 17.88 -12.51 17.51
N ALA A 259 17.68 -12.52 18.82
CA ALA A 259 17.49 -11.27 19.56
C ALA A 259 18.61 -10.28 19.28
N GLU A 260 19.82 -10.83 19.20
CA GLU A 260 21.03 -10.03 19.02
C GLU A 260 21.00 -9.28 17.71
N LYS A 261 20.22 -9.67 16.72
CA LYS A 261 20.10 -8.99 15.44
C LYS A 261 18.89 -8.10 15.22
N THR A 262 17.97 -8.07 16.17
CA THR A 262 16.69 -7.45 15.91
C THR A 262 16.84 -5.94 15.84
N ALA A 263 17.92 -5.38 16.36
CA ALA A 263 17.99 -3.92 16.37
C ALA A 263 19.00 -3.45 15.33
N LEU A 264 19.57 -4.40 14.59
CA LEU A 264 20.55 -4.08 13.55
C LEU A 264 19.93 -3.22 12.45
N SER A 265 20.73 -2.35 11.82
CA SER A 265 20.20 -1.51 10.75
C SER A 265 20.02 -2.24 9.43
N THR A 266 18.82 -2.13 8.89
CA THR A 266 18.59 -2.64 7.53
C THR A 266 19.28 -1.78 6.47
N ALA A 267 19.98 -0.72 6.85
CA ALA A 267 20.74 0.04 5.87
C ALA A 267 22.00 -0.78 5.53
N ASN A 268 22.26 -1.75 6.41
N ASN A 268 22.28 -1.76 6.40
CA ASN A 268 23.21 -2.84 6.24
CA ASN A 268 23.41 -2.64 6.08
C ASN A 268 22.65 -3.91 5.31
C ASN A 268 22.85 -3.88 5.40
N LYS A 269 23.31 -4.12 4.19
CA LYS A 269 22.82 -5.07 3.21
C LYS A 269 22.65 -6.45 3.84
N GLU A 270 23.69 -6.95 4.48
CA GLU A 270 23.64 -8.31 5.02
C GLU A 270 22.44 -8.46 5.95
N HIS A 271 22.17 -7.45 6.79
CA HIS A 271 21.03 -7.53 7.70
C HIS A 271 19.71 -7.53 6.94
N ALA A 272 19.57 -6.62 5.99
CA ALA A 272 18.35 -6.59 5.17
C ALA A 272 18.08 -7.93 4.49
N VAL A 273 19.16 -8.58 4.04
CA VAL A 273 19.03 -9.86 3.32
C VAL A 273 18.55 -10.92 4.29
N GLU A 274 19.11 -10.92 5.50
CA GLU A 274 18.66 -11.94 6.45
C GLU A 274 17.19 -11.78 6.81
N VAL A 275 16.79 -10.50 6.99
CA VAL A 275 15.39 -10.23 7.34
C VAL A 275 14.47 -10.68 6.21
N CYS A 276 14.81 -10.31 4.97
CA CYS A 276 13.97 -10.73 3.83
C CYS A 276 13.88 -12.25 3.68
N THR A 277 15.04 -12.88 3.89
CA THR A 277 15.11 -14.34 3.76
C THR A 277 14.28 -14.96 4.87
N GLY A 278 14.34 -14.42 6.10
CA GLY A 278 13.51 -14.99 7.17
C GLY A 278 12.04 -14.72 6.87
N ALA A 279 11.69 -13.52 6.36
CA ALA A 279 10.29 -13.23 6.06
C ALA A 279 9.73 -14.18 4.99
N LEU A 280 10.58 -14.55 4.02
CA LEU A 280 10.17 -15.44 2.93
C LEU A 280 9.64 -16.74 3.52
N ARG A 281 10.22 -17.23 4.61
CA ARG A 281 9.71 -18.47 5.21
C ARG A 281 8.29 -18.33 5.73
N LEU A 282 7.83 -17.14 6.05
CA LEU A 282 6.43 -16.89 6.43
C LEU A 282 5.48 -17.05 5.27
N LEU A 283 5.99 -16.91 4.05
CA LEU A 283 5.22 -17.14 2.82
C LEU A 283 5.31 -18.59 2.39
N THR A 284 6.50 -19.22 2.50
CA THR A 284 6.66 -20.54 1.90
C THR A 284 6.37 -21.69 2.84
N ALA A 285 6.55 -21.48 4.14
CA ALA A 285 6.44 -22.51 5.16
C ALA A 285 7.36 -23.67 4.79
N GLY A 286 8.47 -23.38 4.13
CA GLY A 286 9.42 -24.42 3.80
C GLY A 286 9.01 -25.27 2.64
N GLN A 287 7.80 -25.10 2.12
N GLN A 287 7.81 -25.12 2.09
CA GLN A 287 7.30 -25.79 0.94
CA GLN A 287 7.42 -25.93 0.94
C GLN A 287 7.89 -25.17 -0.33
C GLN A 287 7.71 -25.16 -0.36
N ASN A 288 7.86 -25.90 -1.45
CA ASN A 288 8.20 -25.38 -2.76
C ASN A 288 7.18 -25.85 -3.80
N THR A 289 6.51 -24.91 -4.43
CA THR A 289 5.61 -25.18 -5.54
C THR A 289 6.03 -24.38 -6.77
N SER A 290 5.16 -24.34 -7.76
CA SER A 290 5.47 -23.53 -8.96
C SER A 290 5.00 -22.09 -8.74
N ALA A 291 4.30 -21.79 -7.66
CA ALA A 291 3.74 -20.47 -7.38
C ALA A 291 4.86 -19.51 -7.00
N THR A 292 4.57 -18.25 -7.28
CA THR A 292 5.46 -17.16 -6.92
C THR A 292 5.56 -17.00 -5.42
N LYS A 293 6.78 -16.85 -4.88
CA LYS A 293 6.98 -16.57 -3.45
C LYS A 293 8.17 -15.61 -3.39
N LEU A 294 7.91 -14.38 -3.00
CA LEU A 294 8.82 -13.24 -3.15
C LEU A 294 8.60 -12.23 -2.05
N VAL A 295 9.65 -11.72 -1.40
CA VAL A 295 9.58 -10.70 -0.36
CA VAL A 295 9.52 -10.67 -0.40
C VAL A 295 10.37 -9.50 -0.88
N VAL A 296 9.83 -8.30 -0.91
CA VAL A 296 10.47 -7.08 -1.42
C VAL A 296 10.54 -6.01 -0.32
N MET A 297 11.74 -5.61 0.00
CA MET A 297 11.98 -4.56 1.02
C MET A 297 12.49 -3.31 0.31
N THR A 298 11.69 -2.25 0.37
CA THR A 298 12.18 -0.93 -0.07
C THR A 298 13.03 -0.36 1.09
N ARG A 299 14.06 0.41 0.72
CA ARG A 299 15.09 0.89 1.67
C ARG A 299 15.43 2.35 1.42
N GLY A 300 14.39 3.15 1.08
CA GLY A 300 14.65 4.57 0.93
C GLY A 300 15.60 4.80 -0.26
N HIS A 301 16.66 5.57 -0.01
CA HIS A 301 17.67 5.83 -1.02
C HIS A 301 18.51 4.59 -1.31
N ASN A 302 18.47 3.60 -0.40
CA ASN A 302 19.40 2.48 -0.58
C ASN A 302 18.80 1.46 -1.52
N PRO A 303 19.59 0.53 -2.09
CA PRO A 303 19.03 -0.46 -3.02
C PRO A 303 17.85 -1.23 -2.48
N VAL A 304 16.88 -1.49 -3.38
CA VAL A 304 15.80 -2.44 -2.98
C VAL A 304 16.39 -3.83 -2.82
N ILE A 305 15.99 -4.57 -1.81
CA ILE A 305 16.47 -5.94 -1.56
C ILE A 305 15.25 -6.84 -1.68
N ALA A 306 15.38 -7.98 -2.35
CA ALA A 306 14.28 -8.94 -2.39
C ALA A 306 14.82 -10.34 -2.21
N ALA A 307 14.02 -11.24 -1.63
CA ALA A 307 14.37 -12.66 -1.57
C ALA A 307 13.30 -13.44 -2.31
N GLU A 308 13.70 -14.26 -3.24
CA GLU A 308 12.79 -15.00 -4.10
C GLU A 308 12.96 -16.49 -3.96
N GLN A 309 11.90 -17.26 -3.81
CA GLN A 309 12.02 -18.73 -3.88
C GLN A 309 11.80 -19.10 -5.33
N THR A 310 12.84 -19.64 -5.96
CA THR A 310 12.71 -19.90 -7.40
C THR A 310 11.97 -21.20 -7.65
N ALA A 311 11.86 -21.59 -8.92
CA ALA A 311 11.14 -22.79 -9.30
C ALA A 311 11.59 -24.03 -8.53
N ASP A 312 12.90 -24.22 -8.30
CA ASP A 312 13.35 -25.50 -7.74
C ASP A 312 13.51 -25.39 -6.22
N GLY A 313 13.04 -24.27 -5.65
CA GLY A 313 13.13 -24.10 -4.21
C GLY A 313 14.34 -23.33 -3.73
N THR A 314 15.32 -23.11 -4.59
CA THR A 314 16.50 -22.37 -4.08
C THR A 314 16.13 -20.90 -3.97
N VAL A 315 16.70 -20.23 -2.98
CA VAL A 315 16.38 -18.84 -2.71
C VAL A 315 17.41 -17.99 -3.40
N VAL A 316 16.94 -17.00 -4.12
CA VAL A 316 17.81 -16.03 -4.77
C VAL A 316 17.57 -14.65 -4.19
N VAL A 317 18.66 -13.90 -4.04
CA VAL A 317 18.55 -12.57 -3.47
C VAL A 317 18.75 -11.54 -4.56
N HIS A 318 17.90 -10.54 -4.64
CA HIS A 318 18.01 -9.47 -5.61
C HIS A 318 18.38 -8.16 -4.90
N GLU A 319 19.26 -7.44 -5.58
CA GLU A 319 19.63 -6.12 -5.20
C GLU A 319 19.56 -5.16 -6.39
N VAL A 320 18.69 -4.17 -6.23
CA VAL A 320 18.43 -3.23 -7.35
C VAL A 320 18.66 -1.81 -6.90
N GLY A 321 19.68 -1.19 -7.48
CA GLY A 321 20.10 0.15 -7.14
C GLY A 321 18.97 1.13 -7.37
N VAL A 322 18.90 2.17 -6.55
CA VAL A 322 17.94 3.25 -6.64
C VAL A 322 18.68 4.47 -7.19
N PRO A 323 18.25 4.94 -8.35
CA PRO A 323 18.89 6.10 -8.96
C PRO A 323 18.88 7.28 -8.00
N VAL A 324 20.01 7.98 -8.03
CA VAL A 324 20.13 9.06 -7.08
C VAL A 324 19.19 10.21 -7.37
N VAL A 325 18.51 10.69 -6.32
CA VAL A 325 17.70 11.91 -6.41
C VAL A 325 18.15 12.88 -5.32
N ALA A 326 18.61 14.07 -5.70
CA ALA A 326 19.14 15.01 -4.71
C ALA A 326 18.09 15.44 -3.70
N ALA A 327 18.55 15.63 -2.47
CA ALA A 327 17.72 16.07 -1.37
C ALA A 327 16.80 17.23 -1.76
N GLU A 328 17.35 18.19 -2.50
CA GLU A 328 16.69 19.45 -2.86
C GLU A 328 15.49 19.16 -3.77
N LYS A 329 15.53 18.03 -4.47
CA LYS A 329 14.41 17.71 -5.36
C LYS A 329 13.31 16.87 -4.75
N ILE A 330 13.49 16.39 -3.52
CA ILE A 330 12.47 15.57 -2.91
C ILE A 330 11.49 16.47 -2.17
N VAL A 331 10.27 16.53 -2.68
CA VAL A 331 9.18 17.31 -2.11
C VAL A 331 8.65 16.68 -0.83
N ASP A 332 8.42 15.39 -0.91
CA ASP A 332 7.77 14.62 0.16
C ASP A 332 7.85 13.14 -0.17
N THR A 333 8.14 12.27 0.80
CA THR A 333 8.24 10.85 0.52
C THR A 333 6.95 10.10 0.85
N ASN A 334 5.96 10.81 1.38
CA ASN A 334 4.68 10.13 1.54
C ASN A 334 4.21 9.70 0.17
N GLY A 335 3.63 8.51 0.09
CA GLY A 335 3.14 8.02 -1.19
C GLY A 335 4.18 7.32 -2.06
N ALA A 336 5.45 7.39 -1.69
CA ALA A 336 6.52 6.72 -2.45
C ALA A 336 6.30 5.23 -2.50
N GLY A 337 6.00 4.63 -1.34
CA GLY A 337 5.76 3.19 -1.32
C GLY A 337 4.53 2.79 -2.09
N ASP A 338 3.47 3.60 -1.98
CA ASP A 338 2.28 3.26 -2.73
C ASP A 338 2.55 3.23 -4.23
N ALA A 339 3.35 4.20 -4.67
CA ALA A 339 3.65 4.31 -6.10
C ALA A 339 4.61 3.22 -6.51
N PHE A 340 5.54 2.89 -5.62
CA PHE A 340 6.44 1.76 -5.90
C PHE A 340 5.62 0.51 -6.19
N VAL A 341 4.70 0.19 -5.31
CA VAL A 341 3.88 -1.03 -5.49
C VAL A 341 3.08 -0.96 -6.77
N GLY A 342 2.52 0.20 -7.10
CA GLY A 342 1.76 0.30 -8.34
C GLY A 342 2.63 0.04 -9.56
N GLY A 343 3.85 0.63 -9.54
CA GLY A 343 4.74 0.37 -10.69
C GLY A 343 5.14 -1.11 -10.80
N PHE A 344 5.43 -1.71 -9.65
CA PHE A 344 5.80 -3.11 -9.60
C PHE A 344 4.64 -3.94 -10.15
N LEU A 345 3.43 -3.73 -9.66
CA LEU A 345 2.33 -4.58 -10.16
C LEU A 345 2.03 -4.33 -11.63
N TYR A 346 2.21 -3.08 -12.10
CA TYR A 346 2.02 -2.84 -13.54
C TYR A 346 3.01 -3.71 -14.32
N ALA A 347 4.29 -3.65 -13.94
CA ALA A 347 5.33 -4.40 -14.65
C ALA A 347 5.07 -5.91 -14.52
N LEU A 348 4.58 -6.33 -13.34
CA LEU A 348 4.25 -7.76 -13.18
C LEU A 348 3.15 -8.20 -14.14
N SER A 349 2.18 -7.33 -14.36
CA SER A 349 1.09 -7.65 -15.30
C SER A 349 1.62 -7.80 -16.71
N GLN A 350 2.78 -7.18 -17.01
CA GLN A 350 3.37 -7.23 -18.35
C GLN A 350 4.37 -8.38 -18.48
N GLY A 351 4.47 -9.21 -17.43
CA GLY A 351 5.32 -10.41 -17.48
C GLY A 351 6.77 -10.07 -17.31
N LYS A 352 7.12 -8.92 -16.73
CA LYS A 352 8.53 -8.52 -16.56
C LYS A 352 9.19 -9.31 -15.44
N THR A 353 10.52 -9.33 -15.48
CA THR A 353 11.28 -10.03 -14.42
C THR A 353 11.20 -9.29 -13.08
N VAL A 354 11.60 -9.97 -12.00
CA VAL A 354 11.59 -9.33 -10.69
C VAL A 354 12.38 -8.02 -10.72
N LYS A 355 13.59 -8.09 -11.28
CA LYS A 355 14.37 -6.85 -11.30
C LYS A 355 13.70 -5.75 -12.11
N GLN A 356 13.11 -6.09 -13.26
CA GLN A 356 12.40 -5.06 -14.01
C GLN A 356 11.20 -4.50 -13.26
N CYS A 357 10.52 -5.35 -12.50
CA CYS A 357 9.35 -4.88 -11.75
C CYS A 357 9.81 -3.91 -10.67
N ILE A 358 10.91 -4.24 -9.97
CA ILE A 358 11.45 -3.30 -9.00
C ILE A 358 11.86 -2.00 -9.68
N MET A 359 12.49 -2.04 -10.84
CA MET A 359 12.91 -0.81 -11.53
C MET A 359 11.69 0.04 -11.91
N CYS A 360 10.61 -0.61 -12.31
CA CYS A 360 9.40 0.17 -12.61
C CYS A 360 8.84 0.81 -11.34
N GLY A 361 8.83 0.00 -10.24
CA GLY A 361 8.39 0.61 -8.98
C GLY A 361 9.28 1.79 -8.61
N ASN A 362 10.59 1.69 -8.78
CA ASN A 362 11.48 2.82 -8.45
C ASN A 362 11.12 4.04 -9.29
N ALA A 363 10.86 3.85 -10.58
CA ALA A 363 10.61 4.95 -11.51
C ALA A 363 9.35 5.68 -11.09
N CYS A 364 8.31 4.89 -10.73
CA CYS A 364 7.05 5.50 -10.31
C CYS A 364 7.22 6.25 -8.99
N ALA A 365 7.88 5.61 -8.03
CA ALA A 365 8.11 6.27 -6.74
C ALA A 365 8.90 7.55 -6.93
N GLN A 366 9.92 7.54 -7.78
CA GLN A 366 10.75 8.76 -7.88
C GLN A 366 10.01 9.90 -8.56
N ASP A 367 9.10 9.55 -9.47
CA ASP A 367 8.24 10.58 -10.04
C ASP A 367 7.43 11.24 -8.92
N VAL A 368 6.79 10.39 -8.13
CA VAL A 368 5.85 10.95 -7.15
C VAL A 368 6.54 11.78 -6.09
N ILE A 369 7.74 11.44 -5.60
CA ILE A 369 8.39 12.18 -4.54
C ILE A 369 8.96 13.52 -4.99
N GLN A 370 8.98 13.76 -6.30
CA GLN A 370 9.58 15.01 -6.82
C GLN A 370 8.54 16.04 -7.17
N HIS A 371 7.28 15.77 -6.81
CA HIS A 371 6.28 16.85 -6.98
C HIS A 371 5.24 16.75 -5.88
N VAL A 372 4.33 17.72 -5.78
CA VAL A 372 3.26 17.58 -4.76
C VAL A 372 2.27 16.52 -5.18
N GLY A 373 1.64 15.82 -4.26
CA GLY A 373 0.66 14.84 -4.74
C GLY A 373 1.21 13.44 -4.78
N PHE A 374 0.27 12.48 -4.75
CA PHE A 374 0.64 11.06 -4.65
C PHE A 374 0.32 10.33 -5.94
N SER A 375 0.13 11.07 -7.02
CA SER A 375 -0.16 10.49 -8.32
C SER A 375 0.99 10.66 -9.29
N LEU A 376 1.07 9.82 -10.31
CA LEU A 376 2.11 10.01 -11.32
C LEU A 376 1.81 11.32 -12.06
N SER A 377 2.85 12.01 -12.44
CA SER A 377 2.74 13.19 -13.30
C SER A 377 2.06 12.93 -14.62
N PHE A 378 1.36 13.95 -15.15
CA PHE A 378 0.69 13.86 -16.43
C PHE A 378 1.66 13.38 -17.49
N THR A 379 2.87 13.91 -17.43
CA THR A 379 3.83 13.60 -18.50
C THR A 379 4.55 12.30 -18.20
N PHE A 380 4.23 11.53 -17.17
CA PHE A 380 4.96 10.29 -16.95
C PHE A 380 4.44 9.21 -17.90
CL CL B . -5.64 0.98 1.71
NA NA C . 9.11 -22.54 -6.31
NA NA D . 4.52 13.82 -4.15
C ACT E . 6.63 0.68 1.08
O ACT E . 7.84 1.34 0.74
OXT ACT E . 5.84 1.45 1.72
CH3 ACT E . 6.46 -0.54 0.35
C10 26A F . -5.70 2.51 8.08
N6 26A F . -5.04 3.74 7.70
C9 26A F . -4.20 4.49 8.70
C6 26A F . -4.95 4.10 6.38
C5 26A F . -4.25 5.30 5.89
C4 26A F . -4.19 5.43 4.47
N3 26A F . -4.67 4.50 3.59
C2 26A F . -5.29 3.44 4.14
N1 26A F . -5.48 3.24 5.46
N7 26A F . -3.69 6.42 6.45
C8 26A F . -3.24 7.22 5.42
N9 26A F . -3.62 6.63 4.21
C1' 26A F . -3.34 7.14 2.84
O4' 26A F . -1.93 7.08 2.73
C4' 26A F . -1.60 7.81 1.49
C5' 26A F . -0.16 8.18 1.41
O5' 26A F . 0.67 6.98 1.44
C2' 26A F . -3.66 8.61 2.57
O2' 26A F . -5.01 8.73 2.27
C3' 26A F . -2.57 8.97 1.52
O3' 26A F . -3.19 9.06 0.24
C10 26A G . 17.09 10.41 -1.09
N6 26A G . 15.95 9.57 -0.83
C9 26A G . 15.21 9.53 0.45
C6 26A G . 15.50 8.77 -1.87
C5 26A G . 14.25 7.97 -1.87
C4 26A G . 13.90 7.35 -3.11
N3 26A G . 14.68 7.41 -4.23
C2 26A G . 15.76 8.20 -4.17
N1 26A G . 16.12 8.89 -3.07
N7 26A G . 13.35 7.61 -0.90
C8 26A G . 12.53 6.71 -1.48
N9 26A G . 12.81 6.61 -2.86
C1' 26A G . 12.21 5.63 -3.78
O4' 26A G . 10.92 5.34 -3.27
C4' 26A G . 10.84 3.92 -3.01
C5' 26A G . 9.99 3.56 -1.80
O5' 26A G . 10.49 4.30 -0.66
C2' 26A G . 12.95 4.32 -4.04
O2' 26A G . 12.60 3.87 -5.34
C3' 26A G . 12.30 3.50 -2.85
O3' 26A G . 12.31 2.09 -3.21
#